data_2R9L
#
_entry.id   2R9L
#
_cell.length_a   48.531
_cell.length_b   111.788
_cell.length_c   139.542
_cell.angle_alpha   90.000
_cell.angle_beta   90.000
_cell.angle_gamma   90.000
#
_symmetry.space_group_name_H-M   'P 21 21 21'
#
loop_
_entity.id
_entity.type
_entity.pdbx_description
1 polymer "DNA (5'-D(P*DGP*DCP*DGP*DGP*DC)-3')"
2 polymer "DNA (5'-D(*DGP*DCP*DCP*DGP*DCP*DAP*DAP*DCP*DGP*DCP*DA)-3')"
3 polymer "DNA (5'-D(*DGP*DCP*DCP*DGP*DCP*DAP*DAP*DCP*DGP*DCP*DAP*DCP*DG)-3')"
4 polymer 'Putative DNA ligase-like protein'
5 non-polymer 1,2-ETHANEDIOL
6 non-polymer DI(HYDROXYETHYL)ETHER
7 water water
#
loop_
_entity_poly.entity_id
_entity_poly.type
_entity_poly.pdbx_seq_one_letter_code
_entity_poly.pdbx_strand_id
1 'polydeoxyribonucleotide' (DG)(DC)(DG)(DG)(DC) C,E
2 'polydeoxyribonucleotide' (DG)(DC)(DC)(DG)(DC)(DA)(DA)(DC)(DG)(DC)(DA) D
3 'polydeoxyribonucleotide' (DG)(DC)(DC)(DG)(DC)(DA)(DA)(DC)(DG)(DC)(DA)(DC)(DG) F
4 'polypeptide(L)'
;GSHMGSASEQRVTLTNADKVLYPATGTTKSDIFDYYAGVAEVMLGHIAGRPATRKRWPNGVDQPAFFEKQLALSAPPWLS
RATVAHRSGTTTYPIIDSATGLAWIAQQAALEVHVPQWRFVAEPGSGELNPGPATRLVFDLDPGEGVMMAQLAEVARAVR
DLLADIGLVTFPVTSGSKGLHLYTPLDEPVSSRGATVLAKRVAQRLEQAMPALVTSTMTKSLRAGKVFVDWSQNSGSKTT
IAPYSLRGRTHPTVAAPRTWAELDDPALRQLSYDEVLTRIARDGDLLERLDADAPVADRLTRY
;
A,B
#
# COMPACT_ATOMS: atom_id res chain seq x y z
N GLU E 9 21.31 -5.99 35.24
CA GLU E 9 20.59 -5.37 36.39
C GLU E 9 19.61 -4.31 35.89
N GLN E 10 18.34 -4.67 35.83
CA GLN E 10 17.30 -3.83 35.23
C GLN E 10 16.94 -2.62 36.10
N ARG E 11 17.18 -1.42 35.58
CA ARG E 11 16.84 -0.16 36.26
C ARG E 11 16.11 0.77 35.30
N VAL E 12 15.06 1.45 35.78
CA VAL E 12 14.36 2.47 34.99
C VAL E 12 13.88 3.62 35.86
N THR E 13 14.29 4.84 35.54
CA THR E 13 13.84 6.03 36.27
C THR E 13 12.69 6.72 35.56
N LEU E 14 11.58 6.93 36.28
CA LEU E 14 10.46 7.66 35.72
C LEU E 14 10.71 9.16 35.79
N THR E 15 10.55 9.84 34.65
CA THR E 15 10.64 11.29 34.59
C THR E 15 9.26 11.82 34.27
N ASN E 16 9.01 13.08 34.59
CA ASN E 16 7.73 13.73 34.33
C ASN E 16 6.55 12.89 34.83
N ALA E 17 6.64 12.45 36.09
CA ALA E 17 5.62 11.57 36.66
C ALA E 17 4.22 12.17 36.59
N ASP E 18 4.12 13.46 36.86
CA ASP E 18 2.84 14.15 36.89
C ASP E 18 2.43 14.70 35.53
N LYS E 19 3.20 14.43 34.48
CA LYS E 19 2.84 14.91 33.15
C LYS E 19 1.63 14.14 32.62
N VAL E 20 0.60 14.88 32.20
CA VAL E 20 -0.65 14.28 31.75
C VAL E 20 -0.57 13.82 30.30
N LEU E 21 -0.77 12.53 30.07
CA LEU E 21 -0.74 12.00 28.71
C LEU E 21 -2.15 11.83 28.15
N TYR E 22 -3.14 11.80 29.05
CA TYR E 22 -4.54 11.80 28.67
C TYR E 22 -5.25 13.04 29.23
N PRO E 23 -5.22 14.14 28.48
CA PRO E 23 -5.80 15.42 28.91
C PRO E 23 -7.23 15.32 29.42
N ALA E 24 -8.04 14.44 28.83
CA ALA E 24 -9.45 14.35 29.18
C ALA E 24 -9.70 13.76 30.56
N THR E 25 -8.83 12.86 31.01
CA THR E 25 -9.04 12.19 32.29
C THR E 25 -7.97 12.52 33.34
N GLY E 26 -6.94 13.26 32.93
CA GLY E 26 -5.87 13.66 33.86
C GLY E 26 -4.91 12.51 34.14
N THR E 27 -4.96 11.49 33.29
CA THR E 27 -4.11 10.32 33.46
C THR E 27 -2.64 10.62 33.18
N THR E 28 -1.81 10.44 34.19
CA THR E 28 -0.41 10.87 34.12
C THR E 28 0.55 9.74 33.74
N LYS E 29 1.82 10.11 33.60
CA LYS E 29 2.87 9.12 33.33
C LYS E 29 2.98 8.14 34.50
N SER E 30 2.84 8.65 35.73
CA SER E 30 2.88 7.80 36.92
C SER E 30 1.70 6.83 36.96
N ASP E 31 0.52 7.29 36.56
CA ASP E 31 -0.62 6.39 36.42
C ASP E 31 -0.27 5.26 35.45
N ILE E 32 0.20 5.64 34.25
CA ILE E 32 0.59 4.66 33.23
C ILE E 32 1.64 3.72 33.80
N PHE E 33 2.63 4.28 34.48
CA PHE E 33 3.72 3.51 35.03
C PHE E 33 3.20 2.46 36.01
N ASP E 34 2.31 2.89 36.92
CA ASP E 34 1.66 2.00 37.87
C ASP E 34 0.78 0.92 37.20
N TYR E 35 0.05 1.31 36.16
CA TYR E 35 -0.80 0.37 35.44
C TYR E 35 0.01 -0.81 34.90
N TYR E 36 1.11 -0.50 34.24
CA TYR E 36 1.95 -1.52 33.61
C TYR E 36 2.70 -2.40 34.61
N ALA E 37 3.07 -1.84 35.76
CA ALA E 37 3.53 -2.66 36.88
C ALA E 37 2.39 -3.57 37.36
N GLY E 38 1.18 -3.02 37.40
CA GLY E 38 0.00 -3.78 37.83
C GLY E 38 -0.31 -4.95 36.92
N VAL E 39 -0.14 -4.79 35.61
CA VAL E 39 -0.53 -5.85 34.70
C VAL E 39 0.61 -6.76 34.29
N ALA E 40 1.83 -6.37 34.62
CA ALA E 40 3.03 -7.11 34.20
C ALA E 40 2.85 -8.63 34.19
N GLU E 41 2.45 -9.19 35.33
CA GLU E 41 2.38 -10.64 35.51
C GLU E 41 1.47 -11.33 34.48
N VAL E 42 0.33 -10.73 34.22
CA VAL E 42 -0.66 -11.33 33.34
C VAL E 42 -0.41 -10.96 31.87
N MET E 43 0.29 -9.85 31.66
CA MET E 43 0.58 -9.35 30.32
C MET E 43 1.83 -9.97 29.73
N LEU E 44 2.84 -10.19 30.57
CA LEU E 44 4.12 -10.64 30.05
C LEU E 44 4.01 -11.92 29.23
N GLY E 45 3.25 -12.89 29.71
CA GLY E 45 3.11 -14.17 29.00
C GLY E 45 2.69 -14.05 27.54
N HIS E 46 1.98 -12.99 27.21
CA HIS E 46 1.42 -12.89 25.88
C HIS E 46 2.29 -12.08 24.93
N ILE E 47 3.30 -11.40 25.47
CA ILE E 47 4.23 -10.63 24.64
C ILE E 47 5.64 -11.19 24.71
N ALA E 48 5.86 -12.12 25.63
CA ALA E 48 7.16 -12.77 25.80
C ALA E 48 7.60 -13.49 24.52
N GLY E 49 8.87 -13.32 24.14
CA GLY E 49 9.44 -13.99 22.99
C GLY E 49 9.04 -13.38 21.66
N ARG E 50 8.37 -12.24 21.73
CA ARG E 50 7.81 -11.58 20.53
C ARG E 50 8.43 -10.21 20.30
N PRO E 51 8.62 -9.83 19.04
CA PRO E 51 9.18 -8.51 18.76
C PRO E 51 8.17 -7.39 19.11
N ALA E 52 8.58 -6.46 19.96
CA ALA E 52 7.69 -5.42 20.45
C ALA E 52 7.71 -4.13 19.62
N THR E 53 6.62 -3.90 18.89
CA THR E 53 6.42 -2.63 18.21
C THR E 53 5.81 -1.62 19.18
N ARG E 54 6.40 -0.43 19.28
CA ARG E 54 5.86 0.60 20.17
C ARG E 54 5.14 1.65 19.34
N LYS E 55 4.03 2.18 19.86
CA LYS E 55 3.51 3.45 19.38
C LYS E 55 3.54 4.46 20.53
N ARG E 56 4.19 5.60 20.30
CA ARG E 56 4.54 6.52 21.38
C ARG E 56 3.90 7.90 21.31
N TRP E 57 3.42 8.37 22.46
CA TRP E 57 2.80 9.67 22.61
C TRP E 57 3.54 10.47 23.69
N PRO E 58 4.80 10.85 23.43
CA PRO E 58 5.59 11.49 24.46
C PRO E 58 4.89 12.71 25.05
N ASN E 59 4.02 13.33 24.27
CA ASN E 59 3.37 14.58 24.68
C ASN E 59 1.85 14.44 24.86
N GLY E 60 1.38 13.20 24.98
CA GLY E 60 -0.03 12.95 25.20
C GLY E 60 -0.82 12.64 23.94
N VAL E 61 -2.04 12.15 24.13
CA VAL E 61 -2.87 11.65 23.03
C VAL E 61 -3.43 12.74 22.14
N ASP E 62 -3.29 14.00 22.55
CA ASP E 62 -3.71 15.13 21.74
C ASP E 62 -2.54 15.72 20.97
N GLN E 63 -1.40 15.03 21.01
CA GLN E 63 -0.20 15.47 20.29
C GLN E 63 0.35 14.32 19.44
N PRO E 64 1.08 14.67 18.37
CA PRO E 64 1.61 13.71 17.41
C PRO E 64 2.27 12.50 18.06
N ALA E 65 1.95 11.32 17.55
CA ALA E 65 2.56 10.06 17.98
C ALA E 65 3.47 9.53 16.89
N PHE E 66 4.22 8.47 17.19
CA PHE E 66 4.98 7.78 16.17
C PHE E 66 5.12 6.29 16.46
N PHE E 67 5.14 5.50 15.41
CA PHE E 67 5.43 4.08 15.50
C PHE E 67 6.94 3.92 15.61
N GLU E 68 7.38 3.00 16.45
CA GLU E 68 8.81 2.73 16.56
C GLU E 68 9.00 1.23 16.65
N LYS E 69 9.92 0.70 15.86
CA LYS E 69 10.18 -0.74 15.83
C LYS E 69 11.63 -1.02 16.16
N GLN E 70 12.53 -0.37 15.44
CA GLN E 70 13.95 -0.49 15.73
C GLN E 70 14.24 -0.07 17.18
N LEU E 71 15.13 -0.79 17.83
CA LEU E 71 15.55 -0.41 19.18
C LEU E 71 16.66 0.64 19.12
N ALA E 72 16.52 1.72 19.88
CA ALA E 72 17.51 2.79 19.89
C ALA E 72 18.81 2.28 20.45
N LEU E 73 19.91 2.74 19.87
CA LEU E 73 21.22 2.30 20.28
C LEU E 73 21.47 2.63 21.75
N SER E 74 20.71 3.58 22.29
CA SER E 74 20.91 4.02 23.66
C SER E 74 19.89 3.44 24.65
N ALA E 75 19.03 2.54 24.17
CA ALA E 75 18.10 1.85 25.05
C ALA E 75 18.88 0.96 26.02
N PRO E 76 18.32 0.72 27.22
CA PRO E 76 19.04 -0.03 28.27
C PRO E 76 19.58 -1.37 27.80
N PRO E 77 20.87 -1.63 28.06
CA PRO E 77 21.58 -2.80 27.55
C PRO E 77 20.93 -4.14 27.95
N TRP E 78 20.18 -4.15 29.04
CA TRP E 78 19.61 -5.39 29.56
C TRP E 78 18.34 -5.85 28.82
N LEU E 79 17.69 -4.94 28.11
CA LEU E 79 16.55 -5.32 27.27
C LEU E 79 16.98 -6.44 26.33
N SER E 80 16.24 -7.55 26.31
CA SER E 80 16.48 -8.58 25.32
C SER E 80 15.94 -8.13 23.96
N ARG E 81 16.60 -8.56 22.89
CA ARG E 81 16.26 -8.11 21.56
C ARG E 81 16.57 -9.18 20.51
N ALA E 82 16.01 -9.02 19.32
CA ALA E 82 16.34 -9.93 18.23
C ALA E 82 16.09 -9.20 16.93
N THR E 83 16.57 -9.78 15.84
CA THR E 83 16.56 -9.12 14.55
C THR E 83 15.65 -9.80 13.54
N VAL E 84 14.84 -9.02 12.85
CA VAL E 84 13.94 -9.52 11.82
C VAL E 84 14.28 -8.92 10.44
N ALA E 85 14.53 -9.78 9.46
CA ALA E 85 14.69 -9.33 8.09
C ALA E 85 13.33 -9.14 7.43
N HIS E 86 13.16 -8.06 6.68
CA HIS E 86 11.92 -7.80 5.96
C HIS E 86 12.17 -7.24 4.55
N ARG E 87 11.12 -7.16 3.75
CA ARG E 87 11.23 -6.94 2.30
C ARG E 87 12.36 -5.99 1.88
N SER E 88 12.53 -4.89 2.59
CA SER E 88 13.57 -3.92 2.25
C SER E 88 14.31 -3.40 3.49
N GLY E 89 14.86 -4.32 4.27
CA GLY E 89 15.68 -3.91 5.40
C GLY E 89 15.68 -4.87 6.57
N THR E 90 16.62 -4.64 7.48
CA THR E 90 16.74 -5.41 8.71
C THR E 90 16.21 -4.56 9.86
N THR E 91 15.69 -5.21 10.91
CA THR E 91 15.19 -4.48 12.05
C THR E 91 15.44 -5.20 13.37
N THR E 92 16.02 -4.48 14.32
CA THR E 92 16.28 -5.03 15.64
C THR E 92 15.17 -4.56 16.57
N TYR E 93 14.43 -5.50 17.12
CA TYR E 93 13.31 -5.18 17.98
C TYR E 93 13.69 -5.41 19.44
N PRO E 94 13.09 -4.63 20.35
CA PRO E 94 13.10 -5.07 21.75
C PRO E 94 12.11 -6.23 21.95
N ILE E 95 12.42 -7.12 22.87
CA ILE E 95 11.50 -8.14 23.32
C ILE E 95 11.24 -7.84 24.79
N ILE E 96 9.98 -7.58 25.14
CA ILE E 96 9.62 -7.30 26.52
C ILE E 96 9.24 -8.61 27.23
N ASP E 97 9.96 -8.93 28.31
CA ASP E 97 9.75 -10.19 29.01
C ASP E 97 10.00 -10.06 30.51
N SER E 98 9.97 -8.83 31.02
CA SER E 98 10.08 -8.61 32.46
C SER E 98 9.28 -7.37 32.88
N ALA E 99 8.97 -7.27 34.17
CA ALA E 99 8.23 -6.16 34.71
C ALA E 99 8.97 -4.84 34.47
N THR E 100 10.29 -4.89 34.57
CA THR E 100 11.12 -3.71 34.31
C THR E 100 11.05 -3.28 32.85
N GLY E 101 10.86 -4.24 31.94
CA GLY E 101 10.71 -3.94 30.53
C GLY E 101 9.46 -3.11 30.28
N LEU E 102 8.39 -3.43 31.00
CA LEU E 102 7.15 -2.67 30.92
C LEU E 102 7.27 -1.34 31.64
N ALA E 103 8.21 -1.24 32.59
CA ALA E 103 8.51 0.05 33.19
C ALA E 103 9.15 0.98 32.14
N TRP E 104 10.15 0.46 31.44
CA TRP E 104 10.78 1.17 30.34
C TRP E 104 9.72 1.62 29.34
N ILE E 105 8.84 0.69 28.99
CA ILE E 105 7.76 0.96 28.03
C ILE E 105 6.96 2.20 28.45
N ALA E 106 6.63 2.25 29.74
CA ALA E 106 5.83 3.32 30.29
C ALA E 106 6.60 4.63 30.34
N GLN E 107 7.85 4.58 30.80
CA GLN E 107 8.73 5.74 30.79
C GLN E 107 8.95 6.29 29.39
N GLN E 108 8.87 5.40 28.39
CA GLN E 108 9.07 5.80 27.01
C GLN E 108 7.83 6.51 26.47
N ALA E 109 6.75 6.45 27.26
CA ALA E 109 5.43 6.88 26.80
C ALA E 109 4.97 6.04 25.61
N ALA E 110 5.38 4.77 25.59
CA ALA E 110 4.89 3.83 24.60
C ALA E 110 3.53 3.32 25.10
N LEU E 111 2.49 4.13 24.91
CA LEU E 111 1.18 3.79 25.47
C LEU E 111 0.73 2.45 24.94
N GLU E 112 1.08 2.19 23.68
CA GLU E 112 0.69 0.98 22.97
C GLU E 112 1.85 0.05 22.65
N VAL E 113 1.62 -1.24 22.90
CA VAL E 113 2.55 -2.29 22.56
C VAL E 113 1.87 -3.25 21.58
N HIS E 114 2.50 -3.47 20.43
CA HIS E 114 1.95 -4.34 19.39
C HIS E 114 2.91 -5.51 19.15
N VAL E 115 2.37 -6.71 18.95
CA VAL E 115 3.17 -7.91 18.69
C VAL E 115 2.50 -8.77 17.62
N PRO E 116 3.30 -9.57 16.90
CA PRO E 116 2.81 -10.57 15.95
C PRO E 116 2.42 -11.87 16.65
N GLN E 117 1.92 -12.82 15.90
CA GLN E 117 1.38 -14.05 16.48
C GLN E 117 2.43 -15.16 16.53
N TRP E 118 3.67 -14.81 16.19
CA TRP E 118 4.78 -15.74 16.32
C TRP E 118 5.77 -15.29 17.39
N ARG E 119 6.65 -16.21 17.80
CA ARG E 119 7.74 -15.91 18.70
C ARG E 119 9.09 -16.33 18.12
N PHE E 120 10.15 -15.69 18.61
CA PHE E 120 11.49 -16.06 18.24
C PHE E 120 11.79 -17.42 18.88
N VAL E 121 12.52 -18.25 18.15
CA VAL E 121 13.05 -19.48 18.74
C VAL E 121 14.56 -19.53 18.50
N ALA E 122 15.27 -20.10 19.45
CA ALA E 122 16.72 -20.14 19.39
C ALA E 122 17.19 -21.09 18.30
N GLU E 123 18.33 -20.78 17.69
CA GLU E 123 19.01 -21.72 16.79
C GLU E 123 19.59 -22.89 17.56
N PRO E 124 19.39 -24.11 17.03
CA PRO E 124 20.17 -25.27 17.46
C PRO E 124 21.65 -24.97 17.25
N GLY E 125 22.37 -24.76 18.34
CA GLY E 125 23.78 -24.40 18.26
C GLY E 125 24.16 -23.50 19.42
N SER E 126 23.84 -22.21 19.30
CA SER E 126 24.05 -21.30 20.41
C SER E 126 23.20 -20.03 20.34
N GLY E 127 21.89 -20.20 20.23
CA GLY E 127 20.93 -19.18 20.61
C GLY E 127 20.59 -18.01 19.70
N GLU E 128 20.94 -18.08 18.41
CA GLU E 128 20.49 -17.01 17.50
C GLU E 128 18.97 -17.02 17.35
N LEU E 129 18.33 -15.92 17.74
CA LEU E 129 16.88 -15.83 17.71
C LEU E 129 16.33 -15.57 16.30
N ASN E 130 15.51 -16.49 15.81
CA ASN E 130 14.88 -16.37 14.50
C ASN E 130 13.37 -16.54 14.65
N PRO E 131 12.58 -15.96 13.73
CA PRO E 131 11.13 -16.09 13.83
C PRO E 131 10.70 -17.55 13.76
N GLY E 132 9.85 -17.96 14.70
CA GLY E 132 9.33 -19.32 14.71
C GLY E 132 7.91 -19.34 14.18
N PRO E 133 7.22 -20.48 14.35
CA PRO E 133 5.86 -20.62 13.88
C PRO E 133 4.85 -19.78 14.67
N ALA E 134 3.69 -19.55 14.07
CA ALA E 134 2.57 -18.98 14.78
C ALA E 134 2.23 -19.91 15.96
N THR E 135 2.07 -19.32 17.15
CA THR E 135 1.72 -20.08 18.33
C THR E 135 0.23 -19.87 18.62
N ARG E 136 -0.37 -18.90 17.94
CA ARG E 136 -1.79 -18.62 18.12
C ARG E 136 -2.34 -17.95 16.87
N LEU E 137 -3.67 -18.01 16.72
CA LEU E 137 -4.34 -17.24 15.67
C LEU E 137 -5.00 -16.01 16.28
N VAL E 138 -5.03 -14.92 15.52
CA VAL E 138 -5.81 -13.76 15.92
C VAL E 138 -6.80 -13.43 14.82
N PHE E 139 -8.00 -12.98 15.21
CA PHE E 139 -9.01 -12.46 14.29
C PHE E 139 -9.39 -11.08 14.80
N ASP E 140 -9.53 -10.14 13.89
CA ASP E 140 -9.91 -8.81 14.28
C ASP E 140 -11.30 -8.53 13.73
N LEU E 141 -12.28 -8.40 14.62
CA LEU E 141 -13.65 -8.18 14.21
C LEU E 141 -13.96 -6.70 14.28
N ASP E 142 -14.03 -6.07 13.11
CA ASP E 142 -14.18 -4.62 12.99
C ASP E 142 -15.60 -4.29 12.55
N PRO E 143 -16.38 -3.64 13.43
CA PRO E 143 -17.78 -3.31 13.18
C PRO E 143 -17.98 -2.14 12.23
N GLY E 144 -18.62 -2.39 11.10
CA GLY E 144 -18.89 -1.35 10.12
C GLY E 144 -19.81 -0.27 10.66
N GLU E 145 -19.90 0.85 9.95
CA GLU E 145 -20.74 1.95 10.39
C GLU E 145 -22.17 1.50 10.68
N GLY E 146 -22.60 1.77 11.93
CA GLY E 146 -23.94 1.39 12.37
C GLY E 146 -24.10 -0.11 12.59
N VAL E 147 -23.04 -0.77 13.05
CA VAL E 147 -23.12 -2.18 13.33
C VAL E 147 -23.46 -2.44 14.79
N MET E 148 -24.60 -3.12 14.99
CA MET E 148 -25.07 -3.50 16.32
C MET E 148 -24.07 -4.39 17.02
N MET E 149 -24.05 -4.33 18.35
CA MET E 149 -23.27 -5.26 19.16
C MET E 149 -23.84 -6.66 19.02
N ALA E 150 -25.16 -6.75 18.88
CA ALA E 150 -25.81 -8.03 18.65
C ALA E 150 -25.22 -8.68 17.41
N GLN E 151 -24.70 -7.84 16.51
CA GLN E 151 -24.06 -8.31 15.31
C GLN E 151 -22.62 -8.70 15.63
N LEU E 152 -21.98 -7.92 16.48
CA LEU E 152 -20.57 -8.11 16.78
C LEU E 152 -20.33 -9.36 17.61
N ALA E 153 -21.18 -9.59 18.61
CA ALA E 153 -21.03 -10.76 19.48
C ALA E 153 -21.58 -12.02 18.84
N GLU E 154 -22.58 -11.87 17.97
CA GLU E 154 -23.05 -13.01 17.19
C GLU E 154 -21.95 -13.51 16.26
N VAL E 155 -21.22 -12.58 15.65
CA VAL E 155 -20.17 -12.96 14.72
C VAL E 155 -19.06 -13.62 15.51
N ALA E 156 -18.75 -13.08 16.68
CA ALA E 156 -17.68 -13.63 17.52
C ALA E 156 -17.99 -15.04 17.98
N ARG E 157 -19.25 -15.31 18.28
CA ARG E 157 -19.65 -16.67 18.64
C ARG E 157 -19.56 -17.61 17.45
N ALA E 158 -19.93 -17.12 16.27
CA ALA E 158 -19.85 -17.92 15.07
C ALA E 158 -18.41 -18.32 14.78
N VAL E 159 -17.47 -17.39 14.94
CA VAL E 159 -16.04 -17.67 14.75
C VAL E 159 -15.59 -18.70 15.78
N ARG E 160 -16.02 -18.49 17.01
CA ARG E 160 -15.71 -19.41 18.10
C ARG E 160 -16.16 -20.84 17.74
N ASP E 161 -17.39 -20.96 17.24
CA ASP E 161 -17.96 -22.28 16.93
C ASP E 161 -17.25 -22.99 15.79
N LEU E 162 -16.99 -22.26 14.70
CA LEU E 162 -16.14 -22.77 13.64
C LEU E 162 -14.82 -23.32 14.16
N LEU E 163 -14.14 -22.55 15.00
CA LEU E 163 -12.84 -22.92 15.50
C LEU E 163 -12.96 -24.11 16.45
N ALA E 164 -14.05 -24.15 17.22
CA ALA E 164 -14.33 -25.29 18.08
C ALA E 164 -14.52 -26.58 17.29
N ASP E 165 -15.09 -26.47 16.09
CA ASP E 165 -15.32 -27.62 15.24
C ASP E 165 -14.01 -28.29 14.85
N ILE E 166 -12.93 -27.53 14.85
CA ILE E 166 -11.63 -28.10 14.53
C ILE E 166 -10.76 -28.19 15.79
N GLY E 167 -11.40 -28.18 16.96
CA GLY E 167 -10.73 -28.48 18.22
C GLY E 167 -10.00 -27.31 18.86
N LEU E 168 -10.31 -26.08 18.44
CA LEU E 168 -9.63 -24.93 18.99
C LEU E 168 -10.49 -24.11 19.96
N VAL E 169 -9.84 -23.61 21.01
CA VAL E 169 -10.45 -22.76 22.03
C VAL E 169 -10.22 -21.28 21.69
N THR E 170 -11.17 -20.42 22.01
CA THR E 170 -11.10 -19.04 21.56
C THR E 170 -11.33 -18.08 22.71
N PHE E 171 -10.52 -17.04 22.75
CA PHE E 171 -10.60 -16.05 23.83
C PHE E 171 -10.88 -14.69 23.23
N PRO E 172 -11.95 -14.02 23.70
CA PRO E 172 -12.27 -12.68 23.25
C PRO E 172 -11.55 -11.56 24.02
N VAL E 173 -11.12 -10.53 23.29
CA VAL E 173 -10.47 -9.37 23.90
C VAL E 173 -10.97 -8.10 23.24
N THR E 174 -11.67 -7.25 23.99
CA THR E 174 -12.05 -5.95 23.45
C THR E 174 -10.79 -5.13 23.20
N SER E 175 -10.67 -4.60 21.99
CA SER E 175 -9.41 -4.01 21.53
C SER E 175 -9.06 -2.71 22.22
N GLY E 176 -9.99 -2.15 22.98
CA GLY E 176 -9.79 -0.87 23.63
C GLY E 176 -10.12 0.26 22.67
N SER E 177 -10.30 -0.10 21.42
CA SER E 177 -10.62 0.89 20.40
C SER E 177 -12.06 0.67 19.96
N LYS E 178 -12.22 0.11 18.78
CA LYS E 178 -13.55 -0.15 18.23
C LYS E 178 -13.69 -1.65 18.02
N GLY E 179 -12.55 -2.29 17.82
CA GLY E 179 -12.55 -3.68 17.43
C GLY E 179 -12.97 -4.67 18.51
N LEU E 180 -12.75 -5.93 18.18
CA LEU E 180 -12.87 -7.04 19.10
C LEU E 180 -11.91 -8.06 18.54
N HIS E 181 -10.91 -8.43 19.33
CA HIS E 181 -9.95 -9.45 18.90
C HIS E 181 -10.27 -10.81 19.51
N LEU E 182 -10.17 -11.84 18.67
CA LEU E 182 -10.32 -13.22 19.12
C LEU E 182 -9.00 -13.95 18.94
N TYR E 183 -8.54 -14.58 20.00
CA TYR E 183 -7.27 -15.31 19.97
C TYR E 183 -7.51 -16.81 20.20
N THR E 184 -6.73 -17.64 19.50
CA THR E 184 -6.80 -19.10 19.62
C THR E 184 -5.39 -19.70 19.72
N PRO E 185 -5.10 -20.37 20.84
CA PRO E 185 -3.78 -21.00 20.89
C PRO E 185 -3.76 -22.23 19.97
N LEU E 186 -2.67 -22.42 19.23
CA LEU E 186 -2.55 -23.58 18.39
C LEU E 186 -1.84 -24.70 19.14
N ASP E 187 -2.46 -25.88 19.16
CA ASP E 187 -1.85 -27.04 19.81
C ASP E 187 -0.82 -27.61 18.87
N GLU E 188 -0.98 -27.29 17.59
CA GLU E 188 -0.04 -27.65 16.56
C GLU E 188 0.44 -26.39 15.87
N PRO E 189 1.52 -25.79 16.39
CA PRO E 189 2.02 -24.55 15.81
C PRO E 189 2.35 -24.74 14.33
N VAL E 190 1.94 -23.78 13.51
CA VAL E 190 2.17 -23.85 12.08
C VAL E 190 2.84 -22.55 11.64
N SER E 191 3.29 -22.49 10.39
CA SER E 191 3.90 -21.28 9.87
C SER E 191 2.89 -20.15 9.86
N SER E 192 3.37 -18.92 9.96
CA SER E 192 2.49 -17.77 9.83
C SER E 192 1.77 -17.83 8.49
N ARG E 193 2.47 -18.30 7.46
CA ARG E 193 1.88 -18.42 6.15
C ARG E 193 0.66 -19.34 6.21
N GLY E 194 0.82 -20.53 6.80
CA GLY E 194 -0.27 -21.48 6.94
C GLY E 194 -1.40 -20.96 7.83
N ALA E 195 -1.02 -20.32 8.93
CA ALA E 195 -1.99 -19.76 9.87
C ALA E 195 -2.89 -18.74 9.18
N THR E 196 -2.31 -17.93 8.30
CA THR E 196 -3.05 -16.95 7.52
C THR E 196 -4.06 -17.64 6.61
N VAL E 197 -3.63 -18.71 5.94
CA VAL E 197 -4.51 -19.43 5.03
C VAL E 197 -5.67 -20.05 5.80
N LEU E 198 -5.35 -20.70 6.91
CA LEU E 198 -6.35 -21.24 7.82
C LEU E 198 -7.34 -20.17 8.28
N ALA E 199 -6.82 -19.06 8.80
CA ALA E 199 -7.68 -17.96 9.22
C ALA E 199 -8.58 -17.46 8.10
N LYS E 200 -8.00 -17.26 6.90
CA LYS E 200 -8.78 -16.82 5.74
C LYS E 200 -9.96 -17.75 5.48
N ARG E 201 -9.71 -19.06 5.50
CA ARG E 201 -10.78 -20.04 5.26
C ARG E 201 -11.94 -19.91 6.26
N VAL E 202 -11.60 -19.70 7.53
CA VAL E 202 -12.59 -19.49 8.60
C VAL E 202 -13.44 -18.25 8.31
N ALA E 203 -12.76 -17.11 8.13
CA ALA E 203 -13.41 -15.85 7.81
C ALA E 203 -14.36 -16.02 6.62
N GLN E 204 -13.92 -16.74 5.60
CA GLN E 204 -14.68 -16.91 4.39
C GLN E 204 -15.88 -17.86 4.56
N ARG E 205 -15.66 -18.96 5.27
CA ARG E 205 -16.76 -19.86 5.59
C ARG E 205 -17.87 -19.12 6.35
N LEU E 206 -17.47 -18.22 7.24
CA LEU E 206 -18.42 -17.45 8.03
C LEU E 206 -19.21 -16.48 7.15
N GLU E 207 -18.51 -15.84 6.22
CA GLU E 207 -19.13 -14.89 5.31
C GLU E 207 -20.26 -15.56 4.54
N GLN E 208 -20.07 -16.82 4.20
CA GLN E 208 -21.01 -17.56 3.37
C GLN E 208 -22.30 -17.91 4.13
N ALA E 209 -22.20 -17.99 5.46
CA ALA E 209 -23.32 -18.35 6.30
C ALA E 209 -24.19 -17.14 6.63
N MET E 210 -23.58 -15.95 6.64
CA MET E 210 -24.27 -14.72 7.01
C MET E 210 -23.75 -13.51 6.22
N PRO E 211 -23.94 -13.52 4.89
CA PRO E 211 -23.37 -12.51 3.98
C PRO E 211 -23.81 -11.08 4.31
N ALA E 212 -24.95 -10.94 4.97
CA ALA E 212 -25.45 -9.63 5.37
C ALA E 212 -24.82 -9.15 6.69
N LEU E 213 -24.15 -10.06 7.39
CA LEU E 213 -23.58 -9.72 8.69
C LEU E 213 -22.06 -9.75 8.72
N VAL E 214 -21.45 -10.44 7.76
CA VAL E 214 -20.01 -10.67 7.77
C VAL E 214 -19.35 -10.40 6.41
N THR E 215 -18.16 -9.81 6.44
CA THR E 215 -17.33 -9.67 5.24
C THR E 215 -15.89 -10.07 5.54
N SER E 216 -15.19 -10.57 4.53
CA SER E 216 -13.84 -11.10 4.73
C SER E 216 -12.80 -10.35 3.91
N THR E 217 -13.25 -9.48 3.02
CA THR E 217 -12.34 -8.58 2.29
C THR E 217 -12.42 -7.20 2.94
N MET E 218 -11.27 -6.55 3.07
CA MET E 218 -11.19 -5.30 3.86
C MET E 218 -11.84 -4.11 3.19
N THR E 219 -11.66 -3.98 1.87
CA THR E 219 -12.24 -2.89 1.08
C THR E 219 -13.36 -2.14 1.81
N LYS E 220 -13.08 -0.88 2.15
CA LYS E 220 -14.02 -0.04 2.91
C LYS E 220 -15.39 0.08 2.27
N SER E 221 -15.48 -0.19 0.97
CA SER E 221 -16.73 -0.05 0.23
C SER E 221 -17.80 -1.03 0.71
N LEU E 222 -17.39 -2.25 1.02
CA LEU E 222 -18.29 -3.27 1.56
C LEU E 222 -18.16 -3.32 3.08
N ARG E 223 -18.28 -2.18 3.74
CA ARG E 223 -18.04 -2.12 5.18
C ARG E 223 -19.02 -1.22 5.92
N ALA E 224 -20.31 -1.40 5.66
CA ALA E 224 -21.34 -0.64 6.35
C ALA E 224 -22.48 -1.58 6.76
N GLY E 225 -22.79 -1.61 8.06
CA GLY E 225 -23.77 -2.54 8.57
C GLY E 225 -23.28 -3.98 8.60
N LYS E 226 -21.97 -4.15 8.48
CA LYS E 226 -21.37 -5.47 8.48
C LYS E 226 -20.13 -5.54 9.36
N VAL E 227 -19.86 -6.74 9.88
CA VAL E 227 -18.67 -7.00 10.65
C VAL E 227 -17.59 -7.52 9.72
N PHE E 228 -16.43 -6.86 9.73
CA PHE E 228 -15.29 -7.29 8.94
C PHE E 228 -14.41 -8.21 9.80
N VAL E 229 -14.43 -9.50 9.48
CA VAL E 229 -13.61 -10.48 10.17
C VAL E 229 -12.25 -10.47 9.50
N ASP E 230 -11.34 -9.68 10.06
CA ASP E 230 -10.02 -9.53 9.48
C ASP E 230 -9.11 -10.69 9.89
N TRP E 231 -8.73 -11.48 8.90
CA TRP E 231 -7.92 -12.65 9.06
C TRP E 231 -6.44 -12.40 8.77
N SER E 232 -6.11 -11.20 8.29
CA SER E 232 -4.81 -10.98 7.64
C SER E 232 -3.68 -10.69 8.64
N GLN E 233 -4.04 -10.47 9.89
CA GLN E 233 -3.04 -10.11 10.89
C GLN E 233 -2.31 -11.33 11.42
N ASN E 234 -2.65 -12.50 10.88
CA ASN E 234 -1.87 -13.72 11.10
C ASN E 234 -0.67 -13.78 10.18
N SER E 235 -0.59 -12.82 9.27
CA SER E 235 0.60 -12.71 8.44
C SER E 235 1.80 -12.42 9.32
N GLY E 236 2.91 -13.07 9.05
CA GLY E 236 4.09 -12.92 9.89
C GLY E 236 4.70 -11.54 9.93
N SER E 237 4.34 -10.70 8.96
CA SER E 237 4.88 -9.37 8.89
C SER E 237 3.87 -8.33 9.36
N LYS E 238 2.77 -8.80 9.94
CA LYS E 238 1.81 -7.93 10.57
C LYS E 238 1.82 -8.06 12.08
N THR E 239 1.11 -7.15 12.72
CA THR E 239 1.26 -6.91 14.12
C THR E 239 -0.12 -6.60 14.69
N THR E 240 -0.34 -6.93 15.97
CA THR E 240 -1.61 -6.62 16.62
C THR E 240 -1.40 -6.11 18.05
N ILE E 241 -2.26 -5.19 18.48
CA ILE E 241 -2.17 -4.63 19.82
C ILE E 241 -2.12 -5.77 20.83
N ALA E 242 -1.20 -5.69 21.78
CA ALA E 242 -1.02 -6.77 22.77
C ALA E 242 -2.15 -6.75 23.76
N PRO E 243 -2.63 -7.94 24.16
CA PRO E 243 -3.56 -7.98 25.30
C PRO E 243 -3.04 -7.15 26.48
N TYR E 244 -3.93 -6.33 27.07
CA TYR E 244 -3.61 -5.52 28.27
C TYR E 244 -2.91 -4.21 27.92
N SER E 245 -2.55 -4.03 26.66
CA SER E 245 -1.96 -2.76 26.26
C SER E 245 -2.96 -1.61 26.40
N LEU E 246 -2.46 -0.44 26.76
CA LEU E 246 -3.25 0.77 26.76
C LEU E 246 -3.49 1.15 25.31
N ARG E 247 -4.47 2.02 25.07
CA ARG E 247 -4.69 2.58 23.75
C ARG E 247 -4.46 4.08 23.82
N GLY E 248 -3.80 4.62 22.81
CA GLY E 248 -3.59 6.06 22.70
C GLY E 248 -4.81 6.80 22.18
N ARG E 249 -5.95 6.58 22.81
CA ARG E 249 -7.17 7.30 22.48
C ARG E 249 -7.43 8.36 23.54
N THR E 250 -8.47 9.18 23.36
CA THR E 250 -8.75 10.23 24.34
C THR E 250 -9.01 9.69 25.73
N HIS E 251 -9.47 8.45 25.83
CA HIS E 251 -9.59 7.79 27.12
C HIS E 251 -8.59 6.63 27.24
N PRO E 252 -7.99 6.47 28.43
CA PRO E 252 -7.03 5.37 28.63
C PRO E 252 -7.70 3.99 28.68
N THR E 253 -8.30 3.59 27.56
CA THR E 253 -8.88 2.26 27.47
C THR E 253 -7.79 1.20 27.21
N VAL E 254 -8.17 -0.06 27.30
CA VAL E 254 -7.22 -1.16 27.26
C VAL E 254 -7.75 -2.29 26.35
N ALA E 255 -6.83 -2.99 25.67
CA ALA E 255 -7.18 -4.27 25.05
C ALA E 255 -7.42 -5.29 26.17
N ALA E 256 -8.67 -5.33 26.65
CA ALA E 256 -9.03 -6.12 27.83
C ALA E 256 -9.63 -7.49 27.47
N PRO E 257 -9.05 -8.57 27.99
CA PRO E 257 -9.69 -9.88 27.90
C PRO E 257 -11.07 -9.88 28.55
N ARG E 258 -12.00 -10.61 27.95
CA ARG E 258 -13.35 -10.69 28.47
C ARG E 258 -13.79 -12.14 28.48
N THR E 259 -14.93 -12.42 29.08
CA THR E 259 -15.46 -13.76 29.10
C THR E 259 -16.51 -13.82 28.03
N TRP E 260 -16.87 -15.03 27.59
CA TRP E 260 -17.99 -15.16 26.68
C TRP E 260 -19.27 -14.70 27.36
N ALA E 261 -19.44 -15.00 28.64
CA ALA E 261 -20.60 -14.50 29.39
C ALA E 261 -20.71 -12.97 29.28
N GLU E 262 -19.58 -12.27 29.41
CA GLU E 262 -19.58 -10.81 29.26
C GLU E 262 -20.00 -10.37 27.87
N LEU E 263 -19.65 -11.16 26.85
CA LEU E 263 -20.10 -10.85 25.49
C LEU E 263 -21.62 -10.99 25.39
N ASP E 264 -22.21 -11.84 26.23
CA ASP E 264 -23.67 -12.03 26.28
C ASP E 264 -24.39 -10.84 26.92
N ASP E 265 -23.63 -10.02 27.62
CA ASP E 265 -24.17 -8.81 28.23
C ASP E 265 -24.29 -7.73 27.16
N PRO E 266 -25.53 -7.30 26.88
CA PRO E 266 -25.76 -6.26 25.89
C PRO E 266 -25.06 -4.93 26.29
N ALA E 267 -24.76 -4.86 27.63
CA ALA E 267 -24.06 -3.70 28.14
C ALA E 267 -22.56 -3.89 28.07
N LEU E 268 -22.08 -4.46 26.98
CA LEU E 268 -20.63 -4.63 26.78
C LEU E 268 -20.01 -3.30 26.35
N ARG E 269 -18.95 -2.90 27.04
CA ARG E 269 -18.24 -1.70 26.65
C ARG E 269 -16.74 -1.92 26.75
N GLN E 270 -15.98 -0.98 26.21
CA GLN E 270 -14.52 -1.03 26.30
C GLN E 270 -14.11 -0.61 27.69
N LEU E 271 -13.15 -1.30 28.28
CA LEU E 271 -12.78 -1.03 29.66
C LEU E 271 -11.63 -0.04 29.75
N SER E 272 -11.60 0.74 30.83
CA SER E 272 -10.48 1.63 31.12
C SER E 272 -9.41 0.87 31.88
N TYR E 273 -8.21 1.45 31.98
CA TYR E 273 -7.08 0.79 32.61
C TYR E 273 -7.38 0.34 34.06
N ASP E 274 -8.09 1.18 34.81
CA ASP E 274 -8.36 0.88 36.22
C ASP E 274 -9.40 -0.24 36.42
N GLU E 275 -10.32 -0.39 35.49
CA GLU E 275 -11.29 -1.46 35.59
C GLU E 275 -10.59 -2.80 35.39
N VAL E 276 -9.69 -2.82 34.41
CA VAL E 276 -8.84 -3.97 34.14
C VAL E 276 -8.02 -4.37 35.37
N LEU E 277 -7.48 -3.37 36.08
CA LEU E 277 -6.71 -3.63 37.29
C LEU E 277 -7.49 -4.41 38.34
N THR E 278 -8.72 -3.98 38.64
CA THR E 278 -9.56 -4.68 39.60
C THR E 278 -10.02 -6.06 39.10
N ARG E 279 -10.36 -6.18 37.83
CA ARG E 279 -10.73 -7.49 37.26
C ARG E 279 -9.66 -8.56 37.45
N ILE E 280 -8.44 -8.26 37.07
CA ILE E 280 -7.25 -9.04 37.44
C ILE E 280 -7.24 -9.39 38.94
N ALA E 281 -7.48 -8.41 39.82
CA ALA E 281 -7.49 -8.66 41.27
C ALA E 281 -8.56 -9.69 41.56
N ARG E 282 -9.63 -9.65 40.77
CA ARG E 282 -10.75 -10.55 40.93
C ARG E 282 -10.45 -11.91 40.29
N ASP E 283 -10.21 -11.93 38.97
CA ASP E 283 -10.13 -13.19 38.21
C ASP E 283 -8.76 -13.56 37.64
N GLY E 284 -7.73 -12.77 37.95
CA GLY E 284 -6.43 -12.99 37.34
C GLY E 284 -6.52 -12.87 35.82
N ASP E 285 -5.80 -13.72 35.11
CA ASP E 285 -5.71 -13.63 33.65
C ASP E 285 -6.66 -14.59 32.94
N LEU E 286 -7.67 -14.03 32.29
CA LEU E 286 -8.62 -14.83 31.52
C LEU E 286 -7.91 -15.53 30.38
N LEU E 287 -6.79 -14.94 29.97
CA LEU E 287 -6.01 -15.42 28.83
C LEU E 287 -4.92 -16.39 29.27
N GLU E 288 -5.01 -16.88 30.50
CA GLU E 288 -4.01 -17.78 31.06
C GLU E 288 -3.68 -19.00 30.17
N ARG E 289 -4.70 -19.59 29.55
CA ARG E 289 -4.49 -20.72 28.65
C ARG E 289 -3.90 -20.33 27.29
N LEU E 290 -3.83 -19.03 27.00
CA LEU E 290 -3.42 -18.60 25.67
C LEU E 290 -1.93 -18.82 25.38
N ASP E 291 -1.10 -18.60 26.37
CA ASP E 291 0.35 -18.58 26.16
C ASP E 291 1.00 -19.42 27.24
N ALA E 292 0.33 -20.50 27.63
CA ALA E 292 0.80 -21.38 28.69
C ALA E 292 2.22 -21.93 28.45
N ASP E 293 2.72 -21.75 27.23
CA ASP E 293 4.06 -22.25 26.89
C ASP E 293 5.07 -21.11 26.75
N ALA E 294 4.70 -19.91 27.20
CA ALA E 294 5.56 -18.73 27.02
C ALA E 294 6.95 -18.84 27.68
N PRO E 295 7.89 -17.99 27.23
CA PRO E 295 9.20 -17.89 27.85
C PRO E 295 9.21 -16.78 28.89
N ARG F 11 3.78 -14.71 -36.47
CA ARG F 11 3.09 -13.47 -36.01
C ARG F 11 2.16 -13.73 -34.85
N VAL F 12 0.88 -13.37 -35.05
CA VAL F 12 -0.09 -13.27 -33.97
C VAL F 12 -1.51 -13.50 -34.48
N THR F 13 -2.20 -14.46 -33.89
CA THR F 13 -3.59 -14.73 -34.23
C THR F 13 -4.54 -14.05 -33.24
N LEU F 14 -5.46 -13.27 -33.77
CA LEU F 14 -6.49 -12.63 -32.96
C LEU F 14 -7.60 -13.63 -32.64
N THR F 15 -7.88 -13.79 -31.36
CA THR F 15 -9.00 -14.60 -30.92
C THR F 15 -10.05 -13.68 -30.32
N ASN F 16 -11.30 -14.14 -30.31
CA ASN F 16 -12.39 -13.35 -29.75
C ASN F 16 -12.46 -11.95 -30.35
N ALA F 17 -12.42 -11.88 -31.68
CA ALA F 17 -12.41 -10.60 -32.37
C ALA F 17 -13.60 -9.72 -31.97
N ASP F 18 -14.77 -10.33 -31.93
CA ASP F 18 -16.01 -9.61 -31.66
C ASP F 18 -16.30 -9.44 -30.16
N LYS F 19 -15.40 -9.91 -29.30
CA LYS F 19 -15.58 -9.75 -27.85
C LYS F 19 -15.42 -8.29 -27.43
N VAL F 20 -16.41 -7.77 -26.74
CA VAL F 20 -16.45 -6.36 -26.37
C VAL F 20 -15.66 -6.10 -25.10
N LEU F 21 -14.64 -5.24 -25.20
CA LEU F 21 -13.83 -4.88 -24.04
C LEU F 21 -14.29 -3.56 -23.42
N TYR F 22 -15.04 -2.78 -24.20
CA TYR F 22 -15.62 -1.54 -23.72
C TYR F 22 -17.15 -1.62 -23.85
N PRO F 23 -17.82 -2.18 -22.83
CA PRO F 23 -19.26 -2.38 -22.85
C PRO F 23 -20.07 -1.14 -23.21
N ALA F 24 -19.57 0.03 -22.86
CA ALA F 24 -20.32 1.27 -23.07
C ALA F 24 -20.38 1.69 -24.53
N THR F 25 -19.35 1.38 -25.30
CA THR F 25 -19.27 1.82 -26.69
C THR F 25 -19.28 0.66 -27.70
N GLY F 26 -19.25 -0.56 -27.20
CA GLY F 26 -19.25 -1.73 -28.06
C GLY F 26 -17.90 -1.97 -28.72
N THR F 27 -16.86 -1.35 -28.19
CA THR F 27 -15.51 -1.47 -28.74
C THR F 27 -14.95 -2.87 -28.52
N THR F 28 -14.64 -3.55 -29.63
CA THR F 28 -14.25 -4.96 -29.58
C THR F 28 -12.74 -5.15 -29.61
N LYS F 29 -12.32 -6.41 -29.48
CA LYS F 29 -10.91 -6.77 -29.60
C LYS F 29 -10.39 -6.44 -31.00
N SER F 30 -11.23 -6.65 -32.01
CA SER F 30 -10.84 -6.34 -33.38
C SER F 30 -10.66 -4.84 -33.58
N ASP F 31 -11.51 -4.05 -32.93
CA ASP F 31 -11.34 -2.60 -32.95
C ASP F 31 -9.98 -2.25 -32.36
N ILE F 32 -9.71 -2.77 -31.16
CA ILE F 32 -8.43 -2.55 -30.50
C ILE F 32 -7.28 -2.97 -31.41
N PHE F 33 -7.39 -4.17 -31.96
CA PHE F 33 -6.37 -4.72 -32.82
C PHE F 33 -6.09 -3.78 -34.00
N ASP F 34 -7.15 -3.30 -34.65
CA ASP F 34 -7.03 -2.35 -35.76
C ASP F 34 -6.41 -1.03 -35.32
N TYR F 35 -6.81 -0.53 -34.15
CA TYR F 35 -6.30 0.74 -33.67
C TYR F 35 -4.78 0.70 -33.56
N TYR F 36 -4.26 -0.35 -32.92
CA TYR F 36 -2.82 -0.46 -32.69
C TYR F 36 -2.03 -0.71 -33.98
N ALA F 37 -2.63 -1.38 -34.95
CA ALA F 37 -2.05 -1.45 -36.30
C ALA F 37 -2.03 -0.07 -36.93
N GLY F 38 -3.09 0.70 -36.68
CA GLY F 38 -3.19 2.07 -37.17
C GLY F 38 -2.15 3.02 -36.60
N VAL F 39 -1.83 2.89 -35.32
CA VAL F 39 -0.90 3.82 -34.68
C VAL F 39 0.55 3.32 -34.66
N ALA F 40 0.75 2.06 -34.99
CA ALA F 40 2.08 1.45 -34.88
C ALA F 40 3.23 2.38 -35.27
N GLU F 41 3.17 2.93 -36.47
CA GLU F 41 4.25 3.75 -37.03
C GLU F 41 4.63 4.93 -36.15
N VAL F 42 3.62 5.62 -35.61
CA VAL F 42 3.85 6.83 -34.83
C VAL F 42 4.06 6.52 -33.35
N MET F 43 3.60 5.36 -32.92
CA MET F 43 3.72 4.97 -31.52
C MET F 43 5.03 4.25 -31.24
N LEU F 44 5.50 3.43 -32.18
CA LEU F 44 6.67 2.60 -31.92
C LEU F 44 7.88 3.39 -31.45
N GLY F 45 8.13 4.53 -32.08
CA GLY F 45 9.29 5.37 -31.78
C GLY F 45 9.38 5.75 -30.30
N HIS F 46 8.25 5.86 -29.64
CA HIS F 46 8.24 6.34 -28.26
C HIS F 46 8.27 5.25 -27.21
N ILE F 47 8.14 3.99 -27.63
CA ILE F 47 8.25 2.86 -26.70
C ILE F 47 9.40 1.92 -27.06
N ALA F 48 10.05 2.21 -28.17
CA ALA F 48 11.16 1.40 -28.66
C ALA F 48 12.34 1.50 -27.70
N GLY F 49 12.95 0.36 -27.41
CA GLY F 49 14.11 0.31 -26.52
C GLY F 49 13.75 0.39 -25.04
N ARG F 50 12.46 0.44 -24.75
CA ARG F 50 11.99 0.59 -23.37
C ARG F 50 11.26 -0.66 -22.89
N PRO F 51 11.40 -0.99 -21.58
CA PRO F 51 10.68 -2.11 -21.02
C PRO F 51 9.17 -1.85 -20.99
N ALA F 52 8.39 -2.75 -21.57
CA ALA F 52 6.95 -2.53 -21.68
C ALA F 52 6.14 -3.15 -20.53
N THR F 53 5.54 -2.29 -19.73
CA THR F 53 4.65 -2.76 -18.67
C THR F 53 3.23 -2.78 -19.24
N ARG F 54 2.56 -3.91 -19.09
CA ARG F 54 1.20 -4.06 -19.60
C ARG F 54 0.21 -3.97 -18.44
N LYS F 55 -0.95 -3.37 -18.70
CA LYS F 55 -2.10 -3.53 -17.82
C LYS F 55 -3.27 -4.09 -18.62
N ARG F 56 -3.77 -5.24 -18.16
CA ARG F 56 -4.63 -6.08 -19.00
C ARG F 56 -6.07 -6.22 -18.49
N TRP F 57 -7.00 -6.15 -19.44
CA TRP F 57 -8.42 -6.31 -19.17
C TRP F 57 -8.96 -7.43 -20.06
N PRO F 58 -8.57 -8.70 -19.80
CA PRO F 58 -8.97 -9.77 -20.70
C PRO F 58 -10.48 -9.83 -20.87
N ASN F 59 -11.22 -9.36 -19.87
CA ASN F 59 -12.67 -9.48 -19.86
C ASN F 59 -13.40 -8.14 -19.91
N GLY F 60 -12.67 -7.09 -20.31
CA GLY F 60 -13.28 -5.79 -20.49
C GLY F 60 -13.07 -4.87 -19.31
N VAL F 61 -13.37 -3.59 -19.51
CA VAL F 61 -13.08 -2.55 -18.52
C VAL F 61 -14.01 -2.57 -17.31
N ASP F 62 -15.06 -3.38 -17.38
CA ASP F 62 -15.97 -3.55 -16.25
C ASP F 62 -15.62 -4.81 -15.47
N GLN F 63 -14.48 -5.41 -15.78
CA GLN F 63 -14.02 -6.61 -15.11
C GLN F 63 -12.57 -6.43 -14.64
N PRO F 64 -12.17 -7.17 -13.59
CA PRO F 64 -10.86 -7.07 -12.97
C PRO F 64 -9.70 -7.03 -13.98
N ALA F 65 -8.77 -6.11 -13.77
CA ALA F 65 -7.57 -6.02 -14.58
C ALA F 65 -6.34 -6.40 -13.76
N PHE F 66 -5.20 -6.54 -14.42
CA PHE F 66 -3.96 -6.77 -13.68
C PHE F 66 -2.77 -6.11 -14.39
N PHE F 67 -1.82 -5.65 -13.58
CA PHE F 67 -0.53 -5.19 -14.08
C PHE F 67 0.36 -6.38 -14.33
N GLU F 68 1.08 -6.36 -15.44
CA GLU F 68 2.01 -7.44 -15.76
C GLU F 68 3.30 -6.83 -16.28
N LYS F 69 4.42 -7.29 -15.73
CA LYS F 69 5.73 -6.78 -16.13
C LYS F 69 6.64 -7.88 -16.66
N GLN F 70 6.78 -8.95 -15.88
CA GLN F 70 7.49 -10.13 -16.32
C GLN F 70 6.89 -10.70 -17.62
N LEU F 71 7.75 -11.12 -18.55
CA LEU F 71 7.29 -11.75 -19.77
C LEU F 71 7.01 -13.23 -19.52
N ALA F 72 5.85 -13.70 -19.96
CA ALA F 72 5.48 -15.11 -19.77
C ALA F 72 6.40 -16.01 -20.58
N LEU F 73 6.80 -17.12 -19.97
CA LEU F 73 7.68 -18.07 -20.62
C LEU F 73 7.13 -18.55 -21.96
N SER F 74 5.82 -18.40 -22.15
CA SER F 74 5.15 -18.89 -23.35
C SER F 74 4.82 -17.79 -24.35
N ALA F 75 5.26 -16.57 -24.07
CA ALA F 75 5.11 -15.48 -25.02
C ALA F 75 5.95 -15.77 -26.27
N PRO F 76 5.53 -15.25 -27.43
CA PRO F 76 6.20 -15.53 -28.70
C PRO F 76 7.69 -15.24 -28.65
N PRO F 77 8.51 -16.22 -29.08
CA PRO F 77 9.96 -16.20 -28.99
C PRO F 77 10.59 -14.97 -29.65
N TRP F 78 9.93 -14.42 -30.66
CA TRP F 78 10.49 -13.31 -31.44
C TRP F 78 10.44 -11.96 -30.75
N LEU F 79 9.58 -11.82 -29.74
CA LEU F 79 9.54 -10.60 -28.94
C LEU F 79 10.93 -10.33 -28.39
N SER F 80 11.45 -9.13 -28.62
CA SER F 80 12.69 -8.72 -27.97
C SER F 80 12.41 -8.40 -26.51
N ARG F 81 13.40 -8.69 -25.66
CA ARG F 81 13.22 -8.54 -24.23
C ARG F 81 14.55 -8.21 -23.55
N ALA F 82 14.48 -7.72 -22.31
CA ALA F 82 15.66 -7.42 -21.53
C ALA F 82 15.33 -7.53 -20.05
N THR F 83 16.36 -7.57 -19.22
CA THR F 83 16.19 -7.83 -17.80
C THR F 83 16.54 -6.61 -16.94
N VAL F 84 15.68 -6.32 -15.96
CA VAL F 84 15.91 -5.19 -15.06
C VAL F 84 16.06 -5.66 -13.62
N ALA F 85 17.18 -5.28 -13.00
CA ALA F 85 17.43 -5.58 -11.60
C ALA F 85 16.72 -4.57 -10.71
N HIS F 86 16.26 -5.04 -9.56
CA HIS F 86 15.75 -4.16 -8.53
C HIS F 86 15.93 -4.85 -7.19
N ARG F 87 15.62 -4.13 -6.11
CA ARG F 87 15.89 -4.59 -4.74
C ARG F 87 15.57 -6.08 -4.52
N SER F 88 14.31 -6.46 -4.72
CA SER F 88 13.83 -7.78 -4.34
C SER F 88 14.08 -8.90 -5.36
N GLY F 89 14.45 -8.54 -6.58
CA GLY F 89 14.78 -9.56 -7.56
C GLY F 89 14.98 -9.05 -8.96
N THR F 90 14.85 -9.95 -9.92
CA THR F 90 15.01 -9.61 -11.34
C THR F 90 13.68 -9.65 -12.10
N THR F 91 13.58 -8.87 -13.17
CA THR F 91 12.39 -8.88 -14.00
C THR F 91 12.77 -8.81 -15.48
N THR F 92 12.20 -9.73 -16.26
CA THR F 92 12.39 -9.74 -17.69
C THR F 92 11.18 -9.12 -18.35
N TYR F 93 11.40 -8.02 -19.07
CA TYR F 93 10.31 -7.31 -19.71
C TYR F 93 10.31 -7.59 -21.20
N PRO F 94 9.12 -7.56 -21.83
CA PRO F 94 9.08 -7.42 -23.27
C PRO F 94 9.47 -6.00 -23.69
N ILE F 95 10.06 -5.88 -24.87
CA ILE F 95 10.30 -4.58 -25.49
C ILE F 95 9.52 -4.58 -26.80
N ILE F 96 8.55 -3.69 -26.91
CA ILE F 96 7.75 -3.61 -28.13
C ILE F 96 8.40 -2.65 -29.12
N ASP F 97 8.76 -3.16 -30.30
CA ASP F 97 9.49 -2.38 -31.28
C ASP F 97 9.09 -2.72 -32.73
N SER F 98 7.94 -3.38 -32.89
CA SER F 98 7.43 -3.68 -34.23
C SER F 98 5.90 -3.67 -34.22
N ALA F 99 5.30 -3.54 -35.39
CA ALA F 99 3.84 -3.51 -35.52
C ALA F 99 3.22 -4.80 -35.00
N THR F 100 3.91 -5.92 -35.22
CA THR F 100 3.44 -7.22 -34.76
C THR F 100 3.47 -7.31 -33.24
N GLY F 101 4.40 -6.59 -32.62
CA GLY F 101 4.48 -6.52 -31.17
C GLY F 101 3.24 -5.87 -30.61
N LEU F 102 2.75 -4.85 -31.30
CA LEU F 102 1.53 -4.17 -30.87
C LEU F 102 0.29 -5.02 -31.18
N ALA F 103 0.43 -5.93 -32.14
CA ALA F 103 -0.63 -6.90 -32.42
C ALA F 103 -0.76 -7.85 -31.23
N TRP F 104 0.36 -8.42 -30.81
CA TRP F 104 0.42 -9.24 -29.60
C TRP F 104 -0.18 -8.49 -28.42
N ILE F 105 0.22 -7.23 -28.25
CA ILE F 105 -0.31 -6.39 -27.19
C ILE F 105 -1.84 -6.40 -27.19
N ALA F 106 -2.41 -6.17 -28.37
CA ALA F 106 -3.86 -6.12 -28.55
C ALA F 106 -4.51 -7.48 -28.28
N GLN F 107 -3.92 -8.53 -28.82
CA GLN F 107 -4.41 -9.88 -28.59
C GLN F 107 -4.37 -10.26 -27.11
N GLN F 108 -3.42 -9.68 -26.40
CA GLN F 108 -3.24 -9.95 -24.98
C GLN F 108 -4.28 -9.20 -24.15
N ALA F 109 -5.03 -8.32 -24.84
CA ALA F 109 -5.95 -7.40 -24.18
C ALA F 109 -5.19 -6.48 -23.22
N ALA F 110 -3.95 -6.19 -23.57
CA ALA F 110 -3.18 -5.19 -22.83
C ALA F 110 -3.60 -3.83 -23.39
N LEU F 111 -4.74 -3.34 -22.93
CA LEU F 111 -5.27 -2.06 -23.39
C LEU F 111 -4.26 -0.95 -23.17
N GLU F 112 -3.52 -1.06 -22.06
CA GLU F 112 -2.56 -0.04 -21.68
C GLU F 112 -1.11 -0.51 -21.74
N VAL F 113 -0.26 0.31 -22.36
CA VAL F 113 1.18 0.09 -22.38
C VAL F 113 1.90 1.20 -21.62
N HIS F 114 2.67 0.83 -20.58
CA HIS F 114 3.41 1.80 -19.78
C HIS F 114 4.94 1.65 -19.97
N VAL F 115 5.65 2.77 -20.03
CA VAL F 115 7.10 2.78 -20.20
C VAL F 115 7.79 3.84 -19.33
N PRO F 116 9.05 3.59 -18.92
CA PRO F 116 9.86 4.57 -18.21
C PRO F 116 10.51 5.53 -19.20
N GLN F 117 11.27 6.49 -18.67
CA GLN F 117 11.81 7.55 -19.50
C GLN F 117 13.23 7.25 -19.97
N TRP F 118 13.69 6.04 -19.68
CA TRP F 118 14.99 5.57 -20.15
C TRP F 118 14.82 4.42 -21.14
N ARG F 119 15.91 4.11 -21.85
CA ARG F 119 15.97 2.96 -22.76
C ARG F 119 17.16 2.07 -22.44
N PHE F 120 17.04 0.80 -22.81
CA PHE F 120 18.15 -0.14 -22.71
C PHE F 120 19.22 0.24 -23.72
N VAL F 121 20.49 0.13 -23.33
CA VAL F 121 21.57 0.31 -24.28
C VAL F 121 22.46 -0.93 -24.23
N ALA F 122 23.06 -1.25 -25.37
CA ALA F 122 23.89 -2.44 -25.46
C ALA F 122 25.27 -2.18 -24.87
N GLU F 123 25.68 -3.04 -23.94
CA GLU F 123 26.98 -2.93 -23.30
C GLU F 123 28.08 -3.28 -24.29
N PRO F 124 29.11 -2.44 -24.41
CA PRO F 124 30.25 -2.74 -25.26
C PRO F 124 31.01 -3.96 -24.73
N GLY F 125 31.04 -5.03 -25.52
CA GLY F 125 31.71 -6.26 -25.11
C GLY F 125 30.86 -7.50 -25.31
N SER F 126 29.78 -7.62 -24.53
CA SER F 126 28.89 -8.77 -24.62
C SER F 126 27.52 -8.39 -25.15
N GLY F 127 27.29 -7.10 -25.34
CA GLY F 127 26.04 -6.62 -25.94
C GLY F 127 24.78 -6.78 -25.12
N GLU F 128 24.92 -7.04 -23.82
CA GLU F 128 23.77 -7.25 -22.96
C GLU F 128 23.01 -5.94 -22.67
N LEU F 129 21.69 -5.98 -22.82
CA LEU F 129 20.86 -4.79 -22.65
C LEU F 129 20.74 -4.37 -21.18
N ASN F 130 21.26 -3.19 -20.87
CA ASN F 130 21.18 -2.60 -19.53
C ASN F 130 20.49 -1.26 -19.60
N PRO F 131 19.87 -0.82 -18.48
CA PRO F 131 19.22 0.48 -18.45
C PRO F 131 20.20 1.61 -18.72
N GLY F 132 19.87 2.46 -19.70
CA GLY F 132 20.70 3.62 -20.00
C GLY F 132 20.11 4.88 -19.38
N PRO F 133 20.64 6.05 -19.75
CA PRO F 133 20.19 7.31 -19.19
C PRO F 133 18.77 7.65 -19.59
N ALA F 134 18.20 8.66 -18.93
CA ALA F 134 16.93 9.22 -19.36
C ALA F 134 17.14 9.92 -20.70
N THR F 135 16.27 9.66 -21.65
CA THR F 135 16.37 10.28 -22.97
C THR F 135 15.35 11.41 -23.04
N ARG F 136 14.45 11.46 -22.07
CA ARG F 136 13.42 12.49 -22.03
C ARG F 136 12.94 12.70 -20.60
N LEU F 137 12.34 13.87 -20.34
CA LEU F 137 11.69 14.13 -19.06
C LEU F 137 10.17 14.02 -19.25
N VAL F 138 9.50 13.51 -18.23
CA VAL F 138 8.04 13.57 -18.23
C VAL F 138 7.56 14.36 -17.01
N PHE F 139 6.46 15.10 -17.19
CA PHE F 139 5.76 15.76 -16.11
C PHE F 139 4.31 15.35 -16.21
N ASP F 140 3.74 14.93 -15.08
CA ASP F 140 2.36 14.56 -15.02
C ASP F 140 1.56 15.62 -14.27
N LEU F 141 0.72 16.35 -14.99
CA LEU F 141 -0.06 17.43 -14.41
C LEU F 141 -1.45 16.93 -14.04
N ASP F 142 -1.67 16.77 -12.74
CA ASP F 142 -2.89 16.16 -12.20
C ASP F 142 -3.77 17.24 -11.57
N PRO F 143 -4.94 17.52 -12.20
CA PRO F 143 -5.85 18.57 -11.76
C PRO F 143 -6.67 18.18 -10.54
N GLY F 144 -6.64 19.00 -9.50
CA GLY F 144 -7.34 18.67 -8.27
C GLY F 144 -8.85 18.94 -8.29
N GLU F 145 -9.44 18.94 -7.11
CA GLU F 145 -10.89 19.07 -6.94
C GLU F 145 -11.43 20.34 -7.59
N GLY F 146 -12.36 20.17 -8.51
CA GLY F 146 -13.01 21.29 -9.18
C GLY F 146 -12.07 22.35 -9.71
N VAL F 147 -10.84 21.96 -10.04
CA VAL F 147 -9.90 22.87 -10.68
C VAL F 147 -10.37 23.11 -12.10
N MET F 148 -10.62 24.36 -12.44
CA MET F 148 -11.15 24.69 -13.76
C MET F 148 -10.06 24.44 -14.81
N MET F 149 -10.48 24.17 -16.04
CA MET F 149 -9.55 23.86 -17.11
C MET F 149 -8.56 24.99 -17.37
N ALA F 150 -8.99 26.22 -17.10
CA ALA F 150 -8.12 27.39 -17.23
C ALA F 150 -6.89 27.26 -16.34
N GLN F 151 -7.12 26.88 -15.08
CA GLN F 151 -6.01 26.69 -14.14
C GLN F 151 -5.04 25.63 -14.64
N LEU F 152 -5.56 24.62 -15.32
CA LEU F 152 -4.72 23.58 -15.91
C LEU F 152 -4.01 24.07 -17.16
N ALA F 153 -4.68 24.93 -17.92
CA ALA F 153 -4.13 25.45 -19.17
C ALA F 153 -2.82 26.20 -18.94
N GLU F 154 -2.85 27.22 -18.09
CA GLU F 154 -1.68 28.06 -17.86
C GLU F 154 -0.52 27.29 -17.24
N VAL F 155 -0.82 26.35 -16.35
CA VAL F 155 0.21 25.56 -15.68
C VAL F 155 1.14 24.88 -16.69
N ALA F 156 0.55 24.21 -17.68
CA ALA F 156 1.32 23.52 -18.69
C ALA F 156 2.22 24.48 -19.46
N ARG F 157 1.73 25.69 -19.71
CA ARG F 157 2.53 26.70 -20.39
C ARG F 157 3.68 27.16 -19.50
N ALA F 158 3.41 27.30 -18.20
CA ALA F 158 4.43 27.72 -17.25
C ALA F 158 5.58 26.72 -17.23
N VAL F 159 5.23 25.43 -17.20
CA VAL F 159 6.23 24.37 -17.25
C VAL F 159 7.02 24.49 -18.55
N ARG F 160 6.31 24.67 -19.65
CA ARG F 160 6.92 24.81 -20.97
C ARG F 160 7.94 25.96 -21.00
N ASP F 161 7.54 27.12 -20.46
CA ASP F 161 8.40 28.28 -20.44
C ASP F 161 9.66 28.10 -19.59
N LEU F 162 9.48 27.54 -18.39
CA LEU F 162 10.62 27.17 -17.55
C LEU F 162 11.61 26.30 -18.31
N LEU F 163 11.11 25.25 -18.93
CA LEU F 163 11.95 24.33 -19.67
C LEU F 163 12.59 24.97 -20.88
N ALA F 164 11.87 25.89 -21.52
CA ALA F 164 12.41 26.65 -22.65
C ALA F 164 13.60 27.53 -22.21
N ASP F 165 13.51 28.06 -20.99
CA ASP F 165 14.57 28.90 -20.45
C ASP F 165 15.89 28.17 -20.43
N ILE F 166 15.84 26.85 -20.28
CA ILE F 166 17.05 26.06 -20.28
C ILE F 166 17.22 25.28 -21.58
N GLY F 167 16.59 25.78 -22.64
CA GLY F 167 16.79 25.25 -23.99
C GLY F 167 16.01 24.00 -24.38
N LEU F 168 15.02 23.62 -23.58
CA LEU F 168 14.27 22.40 -23.86
C LEU F 168 12.91 22.65 -24.51
N VAL F 169 12.53 21.72 -25.39
CA VAL F 169 11.24 21.80 -26.09
C VAL F 169 10.25 20.87 -25.40
N THR F 170 8.98 21.26 -25.38
CA THR F 170 8.00 20.50 -24.61
C THR F 170 6.77 20.12 -25.44
N PHE F 171 6.35 18.86 -25.32
CA PHE F 171 5.20 18.34 -26.05
C PHE F 171 4.12 17.89 -25.08
N PRO F 172 2.90 18.42 -25.25
CA PRO F 172 1.78 18.06 -24.39
C PRO F 172 1.02 16.85 -24.90
N VAL F 173 0.64 15.97 -23.98
CA VAL F 173 -0.14 14.78 -24.32
C VAL F 173 -1.24 14.58 -23.30
N THR F 174 -2.50 14.68 -23.73
CA THR F 174 -3.60 14.38 -22.82
C THR F 174 -3.59 12.88 -22.48
N SER F 175 -3.60 12.58 -21.18
CA SER F 175 -3.31 11.24 -20.68
C SER F 175 -4.36 10.21 -21.07
N GLY F 176 -5.51 10.68 -21.52
CA GLY F 176 -6.62 9.80 -21.83
C GLY F 176 -7.44 9.53 -20.58
N SER F 177 -6.92 9.97 -19.44
CA SER F 177 -7.59 9.79 -18.17
C SER F 177 -8.04 11.15 -17.67
N LYS F 178 -7.35 11.66 -16.68
CA LYS F 178 -7.68 12.97 -16.11
C LYS F 178 -6.52 13.90 -16.32
N GLY F 179 -5.32 13.31 -16.36
CA GLY F 179 -4.09 14.05 -16.36
C GLY F 179 -3.75 14.77 -17.65
N LEU F 180 -2.53 15.27 -17.69
CA LEU F 180 -1.95 15.89 -18.86
C LEU F 180 -0.46 15.67 -18.73
N HIS F 181 0.13 14.93 -19.66
CA HIS F 181 1.55 14.67 -19.60
C HIS F 181 2.35 15.61 -20.52
N LEU F 182 3.46 16.11 -20.01
CA LEU F 182 4.37 16.92 -20.80
C LEU F 182 5.69 16.18 -20.95
N TYR F 183 6.13 16.03 -22.18
CA TYR F 183 7.41 15.37 -22.46
C TYR F 183 8.45 16.32 -23.06
N THR F 184 9.68 16.16 -22.61
CA THR F 184 10.81 16.94 -23.14
C THR F 184 11.97 16.05 -23.53
N PRO F 185 12.38 16.09 -24.82
CA PRO F 185 13.56 15.31 -25.16
C PRO F 185 14.82 15.98 -24.60
N LEU F 186 15.73 15.19 -24.06
CA LEU F 186 17.00 15.72 -23.62
C LEU F 186 17.99 15.51 -24.77
N ASP F 187 18.51 16.57 -25.36
CA ASP F 187 19.53 16.36 -26.39
C ASP F 187 20.84 15.89 -25.74
N GLU F 188 21.04 16.28 -24.49
CA GLU F 188 22.09 15.72 -23.64
C GLU F 188 21.44 14.86 -22.55
N PRO F 189 21.47 13.53 -22.72
CA PRO F 189 20.89 12.54 -21.80
C PRO F 189 21.60 12.45 -20.44
N VAL F 190 20.83 12.39 -19.37
CA VAL F 190 21.36 12.28 -18.02
C VAL F 190 20.74 11.09 -17.32
N SER F 191 21.32 10.71 -16.18
CA SER F 191 20.81 9.59 -15.43
C SER F 191 19.38 9.88 -15.01
N SER F 192 18.59 8.82 -14.83
CA SER F 192 17.24 8.97 -14.27
C SER F 192 17.30 9.65 -12.90
N ARG F 193 18.33 9.34 -12.14
CA ARG F 193 18.51 9.98 -10.85
C ARG F 193 18.60 11.51 -11.02
N GLY F 194 19.50 11.96 -11.89
CA GLY F 194 19.62 13.39 -12.20
C GLY F 194 18.35 13.98 -12.77
N ALA F 195 17.77 13.30 -13.76
CA ALA F 195 16.54 13.78 -14.41
C ALA F 195 15.44 14.06 -13.40
N THR F 196 15.34 13.19 -12.39
CA THR F 196 14.36 13.35 -11.33
C THR F 196 14.64 14.60 -10.47
N VAL F 197 15.91 14.88 -10.21
CA VAL F 197 16.27 16.06 -9.42
C VAL F 197 15.97 17.34 -10.21
N LEU F 198 16.41 17.36 -11.47
CA LEU F 198 16.09 18.44 -12.39
C LEU F 198 14.58 18.69 -12.45
N ALA F 199 13.82 17.63 -12.64
CA ALA F 199 12.37 17.76 -12.77
C ALA F 199 11.75 18.31 -11.49
N LYS F 200 12.24 17.82 -10.35
CA LYS F 200 11.79 18.32 -9.05
C LYS F 200 12.03 19.82 -8.91
N ARG F 201 13.21 20.29 -9.32
CA ARG F 201 13.49 21.71 -9.27
C ARG F 201 12.49 22.52 -10.11
N VAL F 202 12.15 22.03 -11.30
CA VAL F 202 11.21 22.73 -12.17
C VAL F 202 9.84 22.84 -11.49
N ALA F 203 9.32 21.69 -11.08
CA ALA F 203 8.06 21.63 -10.37
C ALA F 203 8.03 22.59 -9.18
N GLN F 204 9.13 22.63 -8.43
CA GLN F 204 9.20 23.47 -7.24
C GLN F 204 9.31 24.97 -7.55
N ARG F 205 10.16 25.33 -8.51
CA ARG F 205 10.25 26.71 -8.96
C ARG F 205 8.86 27.20 -9.37
N LEU F 206 8.08 26.29 -9.94
CA LEU F 206 6.75 26.61 -10.43
C LEU F 206 5.74 26.76 -9.29
N GLU F 207 5.80 25.85 -8.32
CA GLU F 207 4.95 25.92 -7.14
C GLU F 207 5.18 27.21 -6.39
N GLN F 208 6.43 27.62 -6.28
CA GLN F 208 6.77 28.84 -5.56
C GLN F 208 6.29 30.08 -6.33
N ALA F 209 6.43 30.05 -7.65
CA ALA F 209 6.02 31.18 -8.50
C ALA F 209 4.52 31.44 -8.44
N MET F 210 3.75 30.37 -8.53
CA MET F 210 2.30 30.45 -8.51
C MET F 210 1.74 29.38 -7.57
N PRO F 211 1.90 29.58 -6.26
CA PRO F 211 1.54 28.58 -5.25
C PRO F 211 0.06 28.20 -5.22
N ALA F 212 -0.83 29.16 -5.42
CA ALA F 212 -2.25 28.86 -5.40
C ALA F 212 -2.63 27.90 -6.53
N LEU F 213 -1.97 28.05 -7.67
CA LEU F 213 -2.33 27.30 -8.87
C LEU F 213 -1.66 25.94 -8.99
N VAL F 214 -0.52 25.77 -8.30
CA VAL F 214 0.33 24.61 -8.50
C VAL F 214 0.87 24.00 -7.20
N THR F 215 1.04 22.69 -7.20
CA THR F 215 1.70 21.99 -6.09
C THR F 215 2.73 20.98 -6.62
N SER F 216 3.68 20.60 -5.77
CA SER F 216 4.77 19.73 -6.21
C SER F 216 4.85 18.43 -5.41
N THR F 217 3.95 18.26 -4.45
CA THR F 217 3.99 17.06 -3.60
C THR F 217 2.71 16.24 -3.66
N MET F 218 2.88 14.91 -3.58
CA MET F 218 1.80 13.94 -3.49
C MET F 218 0.65 14.40 -2.59
N THR F 219 0.92 14.41 -1.29
CA THR F 219 -0.05 14.74 -0.25
C THR F 219 -1.47 15.00 -0.76
N LYS F 220 -2.27 13.93 -0.77
CA LYS F 220 -3.67 13.97 -1.21
C LYS F 220 -4.43 15.15 -0.62
N SER F 221 -4.18 15.43 0.65
CA SER F 221 -4.81 16.53 1.37
C SER F 221 -4.74 17.88 0.64
N LEU F 222 -3.64 18.14 -0.06
CA LEU F 222 -3.39 19.45 -0.64
C LEU F 222 -3.60 19.52 -2.15
N ARG F 223 -4.04 18.41 -2.73
CA ARG F 223 -4.26 18.33 -4.17
C ARG F 223 -5.47 19.15 -4.60
N ALA F 224 -6.42 19.31 -3.68
CA ALA F 224 -7.67 20.03 -3.94
C ALA F 224 -7.41 21.49 -4.26
N GLY F 225 -8.08 21.98 -5.30
CA GLY F 225 -7.96 23.37 -5.72
C GLY F 225 -6.64 23.71 -6.38
N LYS F 226 -5.78 22.70 -6.53
CA LYS F 226 -4.45 22.90 -7.11
C LYS F 226 -4.13 21.91 -8.23
N VAL F 227 -3.09 22.21 -9.00
CA VAL F 227 -2.61 21.31 -10.05
C VAL F 227 -1.31 20.64 -9.62
N PHE F 228 -1.31 19.32 -9.53
CA PHE F 228 -0.14 18.59 -9.06
C PHE F 228 0.84 18.34 -10.18
N VAL F 229 1.94 19.08 -10.18
CA VAL F 229 2.96 18.88 -11.18
C VAL F 229 3.84 17.76 -10.67
N ASP F 230 3.51 16.53 -11.09
CA ASP F 230 4.22 15.35 -10.63
C ASP F 230 5.52 15.17 -11.39
N TRP F 231 6.62 15.29 -10.64
CA TRP F 231 7.97 15.23 -11.20
C TRP F 231 8.61 13.84 -10.99
N SER F 232 7.93 12.97 -10.25
CA SER F 232 8.60 11.76 -9.73
C SER F 232 8.68 10.62 -10.72
N GLN F 233 7.98 10.73 -11.82
CA GLN F 233 7.90 9.62 -12.76
C GLN F 233 9.13 9.58 -13.67
N ASN F 234 10.04 10.52 -13.44
CA ASN F 234 11.37 10.49 -14.05
C ASN F 234 12.27 9.53 -13.29
N SER F 235 11.81 9.08 -12.13
CA SER F 235 12.54 8.06 -11.42
C SER F 235 12.69 6.81 -12.33
N GLY F 236 13.85 6.20 -12.28
CA GLY F 236 14.15 5.08 -13.15
C GLY F 236 13.28 3.86 -12.91
N SER F 237 12.69 3.78 -11.73
CA SER F 237 11.90 2.62 -11.37
C SER F 237 10.42 2.93 -11.46
N LYS F 238 10.08 4.05 -12.07
CA LYS F 238 8.68 4.39 -12.31
C LYS F 238 8.37 4.35 -13.80
N THR F 239 7.08 4.48 -14.09
CA THR F 239 6.59 4.13 -15.39
C THR F 239 5.48 5.11 -15.73
N THR F 240 5.26 5.35 -17.02
CA THR F 240 4.18 6.25 -17.46
C THR F 240 3.48 5.73 -18.72
N ILE F 241 2.18 5.94 -18.80
CA ILE F 241 1.40 5.47 -19.94
C ILE F 241 2.10 5.95 -21.21
N ALA F 242 2.24 5.06 -22.19
CA ALA F 242 2.91 5.42 -23.45
C ALA F 242 2.02 6.30 -24.33
N PRO F 243 2.61 7.33 -24.96
CA PRO F 243 1.85 8.09 -25.95
C PRO F 243 1.14 7.14 -26.93
N TYR F 244 -0.13 7.43 -27.20
CA TYR F 244 -0.96 6.68 -28.15
C TYR F 244 -1.60 5.43 -27.54
N SER F 245 -1.22 5.08 -26.32
CA SER F 245 -1.83 3.93 -25.66
C SER F 245 -3.30 4.19 -25.41
N LEU F 246 -4.10 3.14 -25.50
CA LEU F 246 -5.48 3.18 -25.02
C LEU F 246 -5.50 3.27 -23.49
N ARG F 247 -6.64 3.68 -22.95
CA ARG F 247 -6.86 3.64 -21.51
C ARG F 247 -7.96 2.64 -21.19
N GLY F 248 -7.79 1.92 -20.09
CA GLY F 248 -8.80 0.98 -19.62
C GLY F 248 -9.87 1.68 -18.80
N ARG F 249 -10.50 2.68 -19.40
CA ARG F 249 -11.61 3.39 -18.79
C ARG F 249 -12.89 3.04 -19.53
N THR F 250 -14.04 3.48 -19.03
CA THR F 250 -15.31 3.09 -19.63
C THR F 250 -15.41 3.53 -21.09
N HIS F 251 -14.63 4.54 -21.47
CA HIS F 251 -14.53 4.92 -22.88
C HIS F 251 -13.11 4.67 -23.38
N PRO F 252 -12.98 4.17 -24.61
CA PRO F 252 -11.67 3.89 -25.19
C PRO F 252 -10.88 5.15 -25.54
N THR F 253 -10.52 5.93 -24.52
CA THR F 253 -9.73 7.14 -24.72
C THR F 253 -8.25 6.79 -24.88
N VAL F 254 -7.45 7.78 -25.26
CA VAL F 254 -6.06 7.55 -25.62
C VAL F 254 -5.16 8.63 -25.04
N ALA F 255 -3.93 8.25 -24.70
CA ALA F 255 -2.90 9.25 -24.40
C ALA F 255 -2.53 9.93 -25.73
N ALA F 256 -3.23 11.00 -26.04
CA ALA F 256 -3.13 11.63 -27.36
C ALA F 256 -2.27 12.89 -27.34
N PRO F 257 -1.22 12.91 -28.17
CA PRO F 257 -0.43 14.12 -28.36
C PRO F 257 -1.31 15.27 -28.85
N ARG F 258 -1.01 16.49 -28.39
CA ARG F 258 -1.81 17.65 -28.75
C ARG F 258 -0.89 18.82 -29.11
N THR F 259 -1.47 19.84 -29.77
CA THR F 259 -0.78 21.11 -29.95
C THR F 259 -1.04 22.01 -28.73
N TRP F 260 -0.25 23.07 -28.58
CA TRP F 260 -0.38 23.95 -27.43
C TRP F 260 -1.60 24.89 -27.48
N ALA F 261 -2.06 25.20 -28.69
CA ALA F 261 -3.21 26.09 -28.86
C ALA F 261 -4.51 25.35 -28.54
N GLU F 262 -4.46 24.01 -28.60
CA GLU F 262 -5.61 23.19 -28.26
C GLU F 262 -5.96 23.29 -26.78
N LEU F 263 -4.94 23.31 -25.93
CA LEU F 263 -5.15 23.45 -24.50
C LEU F 263 -5.84 24.77 -24.13
N ASP F 264 -5.42 25.86 -24.77
CA ASP F 264 -6.02 27.17 -24.53
C ASP F 264 -7.54 27.15 -24.64
N ASP F 265 -8.09 26.07 -25.21
CA ASP F 265 -9.52 25.93 -25.41
C ASP F 265 -10.24 25.53 -24.12
N PRO F 266 -11.17 26.38 -23.65
CA PRO F 266 -11.97 26.16 -22.44
C PRO F 266 -12.64 24.79 -22.37
N ALA F 267 -13.22 24.34 -23.48
CA ALA F 267 -13.98 23.09 -23.48
C ALA F 267 -13.14 21.83 -23.76
N LEU F 268 -11.82 21.96 -23.67
CA LEU F 268 -10.93 20.83 -23.97
C LEU F 268 -11.28 19.54 -23.22
N ARG F 269 -11.16 18.41 -23.92
CA ARG F 269 -11.48 17.11 -23.36
C ARG F 269 -10.49 16.05 -23.83
N GLN F 270 -10.72 14.80 -23.44
CA GLN F 270 -9.88 13.70 -23.89
C GLN F 270 -10.32 13.21 -25.26
N LEU F 271 -9.45 12.46 -25.93
CA LEU F 271 -9.71 12.03 -27.29
C LEU F 271 -9.79 10.51 -27.44
N SER F 272 -10.88 10.04 -28.07
CA SER F 272 -11.09 8.62 -28.34
C SER F 272 -10.14 8.12 -29.42
N TYR F 273 -10.03 6.80 -29.55
CA TYR F 273 -9.04 6.18 -30.43
C TYR F 273 -9.19 6.54 -31.91
N ASP F 274 -10.43 6.69 -32.36
CA ASP F 274 -10.69 7.02 -33.76
C ASP F 274 -10.23 8.45 -34.07
N GLU F 275 -10.72 9.41 -33.29
CA GLU F 275 -10.23 10.77 -33.41
C GLU F 275 -8.71 10.79 -33.58
N VAL F 276 -8.01 10.07 -32.69
CA VAL F 276 -6.54 9.98 -32.74
C VAL F 276 -6.00 9.43 -34.06
N LEU F 277 -6.74 8.46 -34.64
CA LEU F 277 -6.39 7.92 -35.95
C LEU F 277 -6.54 8.95 -37.04
N THR F 278 -7.70 9.62 -37.06
CA THR F 278 -8.01 10.62 -38.08
C THR F 278 -7.15 11.87 -37.86
N ARG F 279 -6.59 11.97 -36.66
CA ARG F 279 -5.69 13.10 -36.38
C ARG F 279 -4.29 12.82 -36.90
N ILE F 280 -3.95 11.50 -37.02
CA ILE F 280 -2.71 11.08 -37.67
C ILE F 280 -2.88 11.25 -39.20
N ALA F 281 -4.02 10.78 -39.71
CA ALA F 281 -4.29 10.78 -41.15
C ALA F 281 -3.89 12.09 -41.87
N ARG F 282 -4.26 13.23 -41.22
CA ARG F 282 -4.04 14.53 -41.84
C ARG F 282 -2.84 15.30 -41.28
N ASP F 283 -2.36 14.90 -40.10
CA ASP F 283 -1.32 15.67 -39.42
C ASP F 283 0.00 14.92 -39.19
N GLY F 284 -0.08 13.59 -39.01
CA GLY F 284 1.10 12.78 -38.73
C GLY F 284 1.35 12.61 -37.24
N ASP F 285 2.61 12.43 -36.86
CA ASP F 285 3.00 12.32 -35.44
C ASP F 285 3.55 13.65 -34.93
N LEU F 286 2.84 14.27 -33.99
CA LEU F 286 3.27 15.54 -33.42
C LEU F 286 4.58 15.38 -32.64
N LEU F 287 4.83 14.16 -32.16
CA LEU F 287 6.00 13.86 -31.34
C LEU F 287 7.16 13.30 -32.16
N GLU F 288 7.19 13.63 -33.45
CA GLU F 288 8.25 13.13 -34.34
C GLU F 288 9.65 13.47 -33.81
N ARG F 289 9.76 14.53 -33.01
CA ARG F 289 11.06 15.00 -32.53
C ARG F 289 11.33 14.58 -31.08
N LEU F 290 10.29 14.14 -30.38
CA LEU F 290 10.45 13.71 -29.00
C LEU F 290 11.47 12.58 -28.84
N ASP F 291 11.55 11.71 -29.84
CA ASP F 291 12.40 10.52 -29.73
C ASP F 291 13.30 10.26 -30.95
N ALA F 292 13.63 11.32 -31.70
CA ALA F 292 14.45 11.17 -32.91
C ALA F 292 15.82 10.58 -32.59
#